data_7RAE
#
_entry.id   7RAE
#
_cell.length_a   68.871
_cell.length_b   68.871
_cell.length_c   147.281
_cell.angle_alpha   90.000
_cell.angle_beta   90.000
_cell.angle_gamma   90.000
#
_symmetry.space_group_name_H-M   'P 43 21 2'
#
loop_
_entity.id
_entity.type
_entity.pdbx_description
1 polymer 'Ancestral androgen receptor'
2 polymer 'Transcriptional mediator/intermediary factor 2'
3 non-polymer 5-ALPHA-DIHYDROTESTOSTERONE
4 non-polymer GLYCEROL
5 water water
#
loop_
_entity_poly.entity_id
_entity_poly.type
_entity_poly.pdbx_seq_one_letter_code
_entity_poly.pdbx_strand_id
1 'polypeptide(L)'
;SNAIPIFLSVLQSIEPEVVYAGYDNTQPDTSASLLTSLNELGERQLVRVVKWAKALPGFRNLHVDDQMTLIQYSWMGVMV
FAMGWRSYKNVNSRMLYFAPDLVFNEQRMQKSTMYNLCVRMRHLSQEFVWLQVTQEEFLCMKALLLFSIIPVEGLKNQKY
FDELRMNYIKELDRVISFQGKNPTSSSQRFYQLTKLLDSLQPIVRKLHQFTFDLFVQSQSLSVEFPEMMSEIISAQVPKI
LAGMVKPLLFHKQ
;
A
2 'polypeptide(L)' QALLRYLLDKDD D
#
# COMPACT_ATOMS: atom_id res chain seq x y z
N SER A 1 -16.63 14.76 -9.32
CA SER A 1 -16.29 15.59 -8.17
C SER A 1 -15.04 16.43 -8.39
N ASN A 2 -14.10 15.93 -9.19
CA ASN A 2 -12.90 16.71 -9.45
C ASN A 2 -12.36 16.36 -10.82
N ALA A 3 -12.07 17.40 -11.61
CA ALA A 3 -11.79 17.25 -13.04
C ALA A 3 -10.67 16.25 -13.28
N ILE A 4 -10.81 15.49 -14.36
CA ILE A 4 -9.90 14.37 -14.61
C ILE A 4 -8.47 14.84 -14.85
N PRO A 5 -8.23 15.85 -15.69
CA PRO A 5 -6.84 16.33 -15.82
C PRO A 5 -6.33 16.94 -14.53
N ILE A 6 -7.21 17.51 -13.69
CA ILE A 6 -6.76 18.08 -12.43
C ILE A 6 -6.37 16.99 -11.45
N PHE A 7 -7.22 15.95 -11.35
CA PHE A 7 -6.95 14.85 -10.44
C PHE A 7 -5.57 14.26 -10.64
N LEU A 8 -5.25 13.93 -11.88
CA LEU A 8 -3.94 13.38 -12.19
C LEU A 8 -2.83 14.36 -11.85
N SER A 9 -3.08 15.66 -12.03
CA SER A 9 -2.09 16.67 -11.64
C SER A 9 -1.87 16.67 -10.14
N VAL A 10 -2.94 16.62 -9.36
CA VAL A 10 -2.82 16.59 -7.91
C VAL A 10 -2.12 15.31 -7.46
N LEU A 11 -2.52 14.17 -8.03
CA LEU A 11 -1.94 12.90 -7.61
C LEU A 11 -0.46 12.81 -7.98
N GLN A 12 -0.09 13.32 -9.16
CA GLN A 12 1.32 13.35 -9.54
C GLN A 12 2.12 14.29 -8.63
N SER A 13 1.52 15.42 -8.25
CA SER A 13 2.24 16.42 -7.47
C SER A 13 2.48 15.96 -6.04
N ILE A 14 1.56 15.17 -5.48
CA ILE A 14 1.70 14.72 -4.09
C ILE A 14 2.32 13.34 -3.97
N GLU A 15 2.70 12.73 -5.09
CA GLU A 15 3.23 11.37 -5.04
C GLU A 15 4.55 11.35 -4.28
N PRO A 16 4.72 10.45 -3.32
CA PRO A 16 5.96 10.40 -2.56
C PRO A 16 7.16 10.20 -3.46
N GLU A 17 8.27 10.73 -3.01
CA GLU A 17 9.54 10.63 -3.71
C GLU A 17 10.19 9.30 -3.35
N VAL A 18 11.28 8.97 -4.06
CA VAL A 18 11.97 7.71 -3.78
C VAL A 18 12.50 7.70 -2.35
N VAL A 19 12.38 6.56 -1.69
CA VAL A 19 12.99 6.36 -0.38
C VAL A 19 13.92 5.16 -0.45
N TYR A 20 15.08 5.30 0.17
CA TYR A 20 16.06 4.23 0.26
C TYR A 20 15.91 3.52 1.60
N ALA A 21 16.23 2.23 1.60
CA ALA A 21 16.19 1.47 2.83
C ALA A 21 17.40 1.72 3.72
N GLY A 22 18.49 2.23 3.16
CA GLY A 22 19.72 2.39 3.90
C GLY A 22 20.49 1.11 4.11
N TYR A 23 20.26 0.10 3.27
CA TYR A 23 20.83 -1.22 3.48
C TYR A 23 22.29 -1.25 3.06
N ASP A 24 23.10 -1.96 3.84
CA ASP A 24 24.51 -2.19 3.52
C ASP A 24 24.59 -3.40 2.60
N ASN A 25 24.70 -3.16 1.30
CA ASN A 25 24.72 -4.25 0.32
C ASN A 25 26.06 -4.95 0.23
N THR A 26 27.08 -4.47 0.94
CA THR A 26 28.34 -5.20 1.01
C THR A 26 28.31 -6.31 2.05
N GLN A 27 27.41 -6.21 3.03
CA GLN A 27 27.31 -7.23 4.06
C GLN A 27 26.71 -8.51 3.50
N PRO A 28 26.98 -9.65 4.13
CA PRO A 28 26.27 -10.88 3.75
C PRO A 28 24.84 -10.83 4.25
N ASP A 29 23.92 -11.29 3.41
CA ASP A 29 22.51 -11.24 3.75
C ASP A 29 22.14 -12.37 4.72
N THR A 30 21.47 -12.01 5.81
CA THR A 30 20.86 -12.94 6.72
C THR A 30 19.36 -12.64 6.79
N SER A 31 18.61 -13.58 7.38
CA SER A 31 17.20 -13.33 7.63
C SER A 31 17.01 -12.06 8.44
N ALA A 32 17.79 -11.92 9.52
CA ALA A 32 17.64 -10.75 10.38
C ALA A 32 18.02 -9.46 9.66
N SER A 33 19.07 -9.49 8.84
CA SER A 33 19.51 -8.29 8.15
C SER A 33 18.48 -7.84 7.12
N LEU A 34 17.90 -8.79 6.38
CA LEU A 34 16.92 -8.45 5.35
C LEU A 34 15.61 -7.98 5.98
N LEU A 35 15.14 -8.68 7.02
CA LEU A 35 13.86 -8.32 7.61
C LEU A 35 13.95 -7.02 8.39
N THR A 36 15.07 -6.77 9.05
CA THR A 36 15.26 -5.50 9.74
C THR A 36 15.29 -4.34 8.74
N SER A 37 15.92 -4.55 7.58
CA SER A 37 15.95 -3.52 6.56
C SER A 37 14.55 -3.24 6.01
N LEU A 38 13.75 -4.30 5.82
CA LEU A 38 12.37 -4.11 5.37
C LEU A 38 11.57 -3.36 6.43
N ASN A 39 11.77 -3.68 7.71
CA ASN A 39 11.14 -2.92 8.77
C ASN A 39 11.57 -1.46 8.73
N GLU A 40 12.87 -1.21 8.56
CA GLU A 40 13.37 0.16 8.48
C GLU A 40 12.80 0.87 7.25
N LEU A 41 12.73 0.17 6.12
CA LEU A 41 12.12 0.75 4.93
C LEU A 41 10.67 1.11 5.15
N GLY A 42 9.94 0.25 5.86
CA GLY A 42 8.52 0.52 6.12
C GLY A 42 8.32 1.76 6.95
N GLU A 43 9.17 1.96 7.98
CA GLU A 43 9.08 3.16 8.79
C GLU A 43 9.33 4.41 7.95
N ARG A 44 10.35 4.36 7.09
CA ARG A 44 10.65 5.50 6.22
C ARG A 44 9.50 5.77 5.25
N GLN A 45 8.94 4.72 4.66
CA GLN A 45 7.81 4.89 3.76
C GLN A 45 6.57 5.38 4.49
N LEU A 46 6.37 4.91 5.73
CA LEU A 46 5.18 5.29 6.48
C LEU A 46 5.13 6.80 6.71
N VAL A 47 6.29 7.40 6.97
CA VAL A 47 6.35 8.85 7.13
C VAL A 47 5.86 9.54 5.87
N ARG A 48 6.25 9.03 4.69
CA ARG A 48 5.79 9.62 3.44
C ARG A 48 4.32 9.33 3.19
N VAL A 49 3.83 8.16 3.64
CA VAL A 49 2.43 7.82 3.43
C VAL A 49 1.52 8.80 4.17
N VAL A 50 1.91 9.19 5.38
CA VAL A 50 1.11 10.14 6.16
C VAL A 50 1.06 11.50 5.45
N LYS A 51 2.22 12.00 5.03
CA LYS A 51 2.27 13.27 4.31
C LYS A 51 1.46 13.18 3.02
N TRP A 52 1.54 12.04 2.33
CA TRP A 52 0.78 11.84 1.10
C TRP A 52 -0.72 11.86 1.37
N ALA A 53 -1.17 11.09 2.36
CA ALA A 53 -2.60 11.00 2.66
C ALA A 53 -3.18 12.34 3.07
N LYS A 54 -2.40 13.14 3.80
CA LYS A 54 -2.89 14.44 4.25
C LYS A 54 -3.15 15.39 3.08
N ALA A 55 -2.46 15.19 1.96
CA ALA A 55 -2.62 16.02 0.78
C ALA A 55 -3.65 15.47 -0.19
N LEU A 56 -4.21 14.30 0.08
CA LEU A 56 -5.27 13.75 -0.77
C LEU A 56 -6.55 14.52 -0.52
N PRO A 57 -7.13 15.17 -1.53
CA PRO A 57 -8.30 16.04 -1.29
C PRO A 57 -9.43 15.29 -0.61
N GLY A 58 -9.91 15.87 0.49
CA GLY A 58 -10.99 15.30 1.26
C GLY A 58 -10.56 14.46 2.44
N PHE A 59 -9.33 13.94 2.43
CA PHE A 59 -8.89 13.05 3.50
C PHE A 59 -8.86 13.76 4.84
N ARG A 60 -8.25 14.95 4.88
CA ARG A 60 -8.11 15.65 6.15
C ARG A 60 -9.40 16.27 6.64
N ASN A 61 -10.47 16.21 5.86
CA ASN A 61 -11.79 16.61 6.34
C ASN A 61 -12.47 15.50 7.12
N LEU A 62 -11.90 14.30 7.11
CA LEU A 62 -12.34 13.26 8.02
C LEU A 62 -11.96 13.61 9.46
N HIS A 63 -12.73 13.09 10.40
CA HIS A 63 -12.36 13.19 11.81
C HIS A 63 -10.98 12.56 11.99
N VAL A 64 -10.14 13.23 12.80
CA VAL A 64 -8.75 12.80 12.97
C VAL A 64 -8.67 11.35 13.45
N ASP A 65 -9.70 10.89 14.17
CA ASP A 65 -9.73 9.49 14.57
C ASP A 65 -9.86 8.57 13.37
N ASP A 66 -10.69 8.94 12.40
CA ASP A 66 -10.85 8.12 11.20
C ASP A 66 -9.60 8.17 10.33
N GLN A 67 -8.94 9.34 10.25
CA GLN A 67 -7.69 9.43 9.53
C GLN A 67 -6.65 8.47 10.09
N MET A 68 -6.56 8.40 11.41
CA MET A 68 -5.65 7.44 12.04
C MET A 68 -6.03 6.02 11.67
N THR A 69 -7.32 5.69 11.75
CA THR A 69 -7.79 4.35 11.44
C THR A 69 -7.41 3.94 10.02
N LEU A 70 -7.63 4.85 9.06
CA LEU A 70 -7.40 4.52 7.66
C LEU A 70 -5.93 4.22 7.38
N ILE A 71 -5.05 5.08 7.90
CA ILE A 71 -3.62 4.88 7.67
C ILE A 71 -3.13 3.62 8.39
N GLN A 72 -3.62 3.39 9.60
CA GLN A 72 -3.18 2.23 10.38
C GLN A 72 -3.51 0.92 9.67
N TYR A 73 -4.64 0.87 8.98
CA TYR A 73 -5.09 -0.40 8.41
C TYR A 73 -4.67 -0.59 6.96
N SER A 74 -4.40 0.50 6.24
N SER A 74 -4.41 0.49 6.23
CA SER A 74 -4.17 0.43 4.80
CA SER A 74 -4.17 0.41 4.79
C SER A 74 -2.73 0.68 4.39
C SER A 74 -2.72 0.60 4.39
N TRP A 75 -1.81 0.88 5.34
CA TRP A 75 -0.44 1.19 4.96
C TRP A 75 0.24 -0.01 4.30
N MET A 76 -0.07 -1.22 4.75
CA MET A 76 0.48 -2.43 4.13
C MET A 76 0.12 -2.50 2.66
N GLY A 77 -1.17 -2.33 2.35
CA GLY A 77 -1.61 -2.45 0.97
C GLY A 77 -1.06 -1.35 0.08
N VAL A 78 -1.04 -0.11 0.59
CA VAL A 78 -0.51 1.00 -0.19
C VAL A 78 0.96 0.75 -0.55
N MET A 79 1.75 0.26 0.41
CA MET A 79 3.17 0.07 0.17
C MET A 79 3.43 -1.11 -0.76
N VAL A 80 2.69 -2.20 -0.59
CA VAL A 80 2.89 -3.38 -1.44
C VAL A 80 2.49 -3.06 -2.87
N PHE A 81 1.42 -2.29 -3.05
CA PHE A 81 0.98 -1.90 -4.38
C PHE A 81 2.02 -1.01 -5.06
N ALA A 82 2.53 -0.02 -4.34
CA ALA A 82 3.57 0.83 -4.91
C ALA A 82 4.84 0.05 -5.19
N MET A 83 5.15 -0.94 -4.34
CA MET A 83 6.31 -1.80 -4.59
C MET A 83 6.13 -2.57 -5.90
N GLY A 84 4.94 -3.12 -6.12
CA GLY A 84 4.69 -3.79 -7.39
C GLY A 84 4.86 -2.88 -8.58
N TRP A 85 4.44 -1.62 -8.44
CA TRP A 85 4.64 -0.65 -9.51
C TRP A 85 6.12 -0.38 -9.74
N ARG A 86 6.88 -0.21 -8.65
CA ARG A 86 8.32 0.03 -8.77
C ARG A 86 9.01 -1.14 -9.47
N SER A 87 8.64 -2.37 -9.10
CA SER A 87 9.23 -3.55 -9.75
C SER A 87 8.84 -3.61 -11.22
N TYR A 88 7.63 -3.16 -11.55
CA TYR A 88 7.18 -3.13 -12.94
C TYR A 88 8.01 -2.13 -13.75
N LYS A 89 8.23 -0.94 -13.20
CA LYS A 89 8.88 0.13 -13.95
C LYS A 89 10.40 -0.03 -14.01
N ASN A 90 11.00 -0.65 -12.99
CA ASN A 90 12.45 -0.69 -12.89
C ASN A 90 13.07 -1.99 -13.38
N VAL A 91 12.47 -3.15 -13.09
CA VAL A 91 13.07 -4.42 -13.44
C VAL A 91 12.06 -5.32 -14.14
N ASN A 92 11.03 -4.69 -14.75
CA ASN A 92 10.00 -5.40 -15.51
C ASN A 92 9.38 -6.54 -14.71
N SER A 93 9.26 -6.35 -13.40
CA SER A 93 8.65 -7.29 -12.47
C SER A 93 9.40 -8.61 -12.36
N ARG A 94 10.69 -8.62 -12.70
CA ARG A 94 11.51 -9.83 -12.54
C ARG A 94 12.03 -9.99 -11.12
N MET A 95 12.16 -8.90 -10.38
CA MET A 95 12.60 -8.94 -8.99
C MET A 95 11.71 -7.99 -8.18
N LEU A 96 11.83 -8.07 -6.86
CA LEU A 96 11.07 -7.19 -5.98
C LEU A 96 11.90 -5.95 -5.68
N TYR A 97 11.45 -4.81 -6.20
CA TYR A 97 12.16 -3.53 -6.06
C TYR A 97 11.58 -2.77 -4.87
N PHE A 98 11.93 -3.26 -3.67
CA PHE A 98 11.51 -2.58 -2.45
C PHE A 98 12.07 -1.16 -2.39
N ALA A 99 13.34 -1.00 -2.74
CA ALA A 99 14.01 0.30 -2.80
C ALA A 99 15.19 0.16 -3.74
N PRO A 100 15.72 1.27 -4.25
CA PRO A 100 16.90 1.18 -5.14
C PRO A 100 18.07 0.47 -4.49
N ASP A 101 18.20 0.54 -3.17
CA ASP A 101 19.26 -0.14 -2.45
C ASP A 101 18.78 -1.41 -1.75
N LEU A 102 17.60 -1.91 -2.12
CA LEU A 102 17.08 -3.15 -1.52
C LEU A 102 16.20 -3.83 -2.56
N VAL A 103 16.83 -4.58 -3.46
CA VAL A 103 16.15 -5.33 -4.51
C VAL A 103 16.31 -6.82 -4.22
N PHE A 104 15.21 -7.55 -4.18
CA PHE A 104 15.21 -8.96 -3.82
C PHE A 104 15.29 -9.81 -5.09
N ASN A 105 16.35 -10.60 -5.21
CA ASN A 105 16.39 -11.66 -6.20
C ASN A 105 15.87 -12.94 -5.55
N GLU A 106 16.06 -14.09 -6.20
CA GLU A 106 15.56 -15.34 -5.65
C GLU A 106 16.28 -15.72 -4.37
N GLN A 107 17.59 -15.43 -4.29
CA GLN A 107 18.35 -15.77 -3.09
C GLN A 107 17.82 -15.01 -1.87
N ARG A 108 17.61 -13.70 -2.02
CA ARG A 108 17.14 -12.90 -0.89
C ARG A 108 15.72 -13.28 -0.50
N MET A 109 14.89 -13.67 -1.48
CA MET A 109 13.54 -14.14 -1.15
C MET A 109 13.60 -15.39 -0.28
N GLN A 110 14.56 -16.28 -0.54
CA GLN A 110 14.68 -17.50 0.26
C GLN A 110 15.16 -17.18 1.67
N LYS A 111 16.22 -16.38 1.79
CA LYS A 111 16.77 -16.08 3.10
C LYS A 111 15.90 -15.14 3.92
N SER A 112 14.88 -14.52 3.30
CA SER A 112 13.97 -13.65 4.03
C SER A 112 13.01 -14.42 4.92
N THR A 113 12.89 -15.74 4.74
CA THR A 113 11.98 -16.64 5.43
C THR A 113 10.52 -16.38 5.11
N MET A 114 10.22 -15.53 4.13
CA MET A 114 8.86 -15.40 3.58
C MET A 114 8.93 -15.54 2.06
N TYR A 115 9.51 -16.66 1.61
CA TYR A 115 9.70 -16.88 0.18
C TYR A 115 8.37 -16.88 -0.56
N ASN A 116 7.39 -17.62 -0.04
CA ASN A 116 6.11 -17.75 -0.73
C ASN A 116 5.37 -16.42 -0.81
N LEU A 117 5.49 -15.57 0.22
CA LEU A 117 4.86 -14.26 0.15
C LEU A 117 5.57 -13.38 -0.88
N CYS A 118 6.90 -13.50 -0.98
CA CYS A 118 7.63 -12.76 -2.00
C CYS A 118 7.21 -13.20 -3.40
N VAL A 119 7.01 -14.51 -3.59
CA VAL A 119 6.53 -15.01 -4.87
C VAL A 119 5.16 -14.43 -5.20
N ARG A 120 4.26 -14.41 -4.21
CA ARG A 120 2.94 -13.82 -4.43
C ARG A 120 3.04 -12.35 -4.78
N MET A 121 3.99 -11.63 -4.18
CA MET A 121 4.14 -10.22 -4.49
C MET A 121 4.74 -9.99 -5.87
N ARG A 122 5.58 -10.91 -6.35
CA ARG A 122 6.09 -10.80 -7.71
C ARG A 122 4.99 -11.10 -8.73
N HIS A 123 4.10 -12.04 -8.40
CA HIS A 123 2.96 -12.30 -9.28
C HIS A 123 2.08 -11.07 -9.41
N LEU A 124 1.86 -10.37 -8.31
CA LEU A 124 1.13 -9.11 -8.36
C LEU A 124 1.82 -8.11 -9.27
N SER A 125 3.15 -8.00 -9.15
CA SER A 125 3.91 -7.12 -10.04
C SER A 125 3.73 -7.52 -11.49
N GLN A 126 3.71 -8.82 -11.78
CA GLN A 126 3.55 -9.29 -13.16
C GLN A 126 2.22 -8.86 -13.75
N GLU A 127 1.19 -8.68 -12.90
CA GLU A 127 -0.10 -8.24 -13.40
C GLU A 127 -0.01 -6.82 -13.98
N PHE A 128 0.84 -5.97 -13.39
CA PHE A 128 1.11 -4.67 -14.01
C PHE A 128 1.61 -4.84 -15.44
N VAL A 129 2.48 -5.83 -15.67
CA VAL A 129 3.05 -6.04 -16.99
C VAL A 129 1.98 -6.53 -17.97
N TRP A 130 1.17 -7.51 -17.53
CA TRP A 130 0.16 -8.07 -18.40
C TRP A 130 -0.93 -7.04 -18.72
N LEU A 131 -1.32 -6.25 -17.72
CA LEU A 131 -2.37 -5.25 -17.93
C LEU A 131 -1.86 -3.96 -18.54
N GLN A 132 -0.54 -3.75 -18.55
CA GLN A 132 0.07 -2.50 -19.02
C GLN A 132 -0.57 -1.30 -18.30
N VAL A 133 -0.48 -1.34 -16.98
CA VAL A 133 -1.09 -0.30 -16.15
C VAL A 133 -0.42 1.04 -16.45
N THR A 134 -1.23 2.07 -16.68
CA THR A 134 -0.69 3.40 -16.90
C THR A 134 -0.26 3.98 -15.56
N GLN A 135 0.57 5.03 -15.63
CA GLN A 135 0.89 5.78 -14.42
C GLN A 135 -0.37 6.46 -13.86
N GLU A 136 -1.24 6.92 -14.74
CA GLU A 136 -2.49 7.56 -14.32
C GLU A 136 -3.39 6.57 -13.58
N GLU A 137 -3.55 5.36 -14.12
CA GLU A 137 -4.31 4.33 -13.41
C GLU A 137 -3.66 3.96 -12.09
N PHE A 138 -2.33 3.83 -12.07
CA PHE A 138 -1.64 3.47 -10.84
C PHE A 138 -1.91 4.47 -9.73
N LEU A 139 -1.80 5.76 -10.05
CA LEU A 139 -1.98 6.80 -9.03
C LEU A 139 -3.41 6.80 -8.49
N CYS A 140 -4.40 6.64 -9.37
N CYS A 140 -4.40 6.64 -9.38
CA CYS A 140 -5.78 6.61 -8.92
CA CYS A 140 -5.78 6.60 -8.94
C CYS A 140 -6.09 5.36 -8.11
C CYS A 140 -6.05 5.36 -8.09
N MET A 141 -5.50 4.22 -8.50
CA MET A 141 -5.75 2.98 -7.76
C MET A 141 -5.07 3.01 -6.39
N LYS A 142 -3.89 3.60 -6.30
CA LYS A 142 -3.20 3.69 -5.01
C LYS A 142 -3.96 4.57 -4.04
N ALA A 143 -4.51 5.69 -4.53
CA ALA A 143 -5.35 6.54 -3.68
C ALA A 143 -6.53 5.75 -3.13
N LEU A 144 -7.10 4.86 -3.93
CA LEU A 144 -8.26 4.08 -3.49
C LEU A 144 -7.91 3.15 -2.34
N LEU A 145 -6.64 2.75 -2.23
CA LEU A 145 -6.26 1.79 -1.20
C LEU A 145 -6.35 2.37 0.21
N LEU A 146 -6.35 3.70 0.34
CA LEU A 146 -6.63 4.33 1.62
C LEU A 146 -8.05 4.03 2.09
N PHE A 147 -8.94 3.67 1.18
CA PHE A 147 -10.35 3.43 1.47
C PHE A 147 -10.72 1.96 1.37
N SER A 148 -9.75 1.07 1.61
CA SER A 148 -9.93 -0.36 1.34
C SER A 148 -10.25 -1.19 2.56
N ILE A 149 -9.99 -0.69 3.78
CA ILE A 149 -10.20 -1.46 5.00
C ILE A 149 -10.75 -0.52 6.06
N ILE A 150 -11.84 -0.93 6.72
CA ILE A 150 -12.47 -0.13 7.76
C ILE A 150 -12.78 -1.01 8.94
N PRO A 151 -13.00 -0.42 10.12
CA PRO A 151 -13.45 -1.24 11.27
C PRO A 151 -14.79 -1.89 10.99
N VAL A 152 -15.00 -3.05 11.62
CA VAL A 152 -16.26 -3.77 11.45
C VAL A 152 -17.42 -2.97 12.00
N GLU A 153 -17.16 -2.12 13.00
CA GLU A 153 -18.18 -1.24 13.56
C GLU A 153 -18.28 0.09 12.83
N GLY A 154 -17.51 0.29 11.76
CA GLY A 154 -17.56 1.52 11.00
C GLY A 154 -16.67 2.60 11.58
N LEU A 155 -16.65 3.73 10.87
CA LEU A 155 -15.85 4.89 11.25
C LEU A 155 -16.72 5.92 11.98
N LYS A 156 -16.05 6.96 12.50
CA LYS A 156 -16.75 8.00 13.24
C LYS A 156 -17.77 8.71 12.36
N ASN A 157 -17.34 9.12 11.15
CA ASN A 157 -18.25 9.65 10.14
C ASN A 157 -18.22 8.70 8.95
N GLN A 158 -18.97 7.61 9.06
CA GLN A 158 -19.01 6.62 7.98
C GLN A 158 -19.60 7.20 6.71
N LYS A 159 -20.61 8.06 6.84
CA LYS A 159 -21.31 8.55 5.66
C LYS A 159 -20.40 9.40 4.78
N TYR A 160 -19.58 10.27 5.40
CA TYR A 160 -18.67 11.07 4.59
C TYR A 160 -17.60 10.20 3.93
N PHE A 161 -17.08 9.22 4.66
CA PHE A 161 -16.14 8.26 4.07
C PHE A 161 -16.77 7.57 2.87
N ASP A 162 -18.03 7.15 3.00
CA ASP A 162 -18.70 6.45 1.91
C ASP A 162 -18.73 7.29 0.65
N GLU A 163 -19.06 8.57 0.77
CA GLU A 163 -19.15 9.43 -0.41
C GLU A 163 -17.78 9.79 -0.96
N LEU A 164 -16.80 9.99 -0.08
CA LEU A 164 -15.45 10.26 -0.56
C LEU A 164 -14.87 9.05 -1.29
N ARG A 165 -15.11 7.85 -0.76
CA ARG A 165 -14.64 6.63 -1.43
C ARG A 165 -15.33 6.46 -2.78
N MET A 166 -16.66 6.62 -2.81
CA MET A 166 -17.39 6.60 -4.07
C MET A 166 -16.80 7.61 -5.04
N ASN A 167 -16.39 8.78 -4.53
CA ASN A 167 -15.80 9.78 -5.41
C ASN A 167 -14.52 9.27 -6.06
N TYR A 168 -13.63 8.67 -5.26
CA TYR A 168 -12.36 8.23 -5.81
C TYR A 168 -12.53 7.02 -6.72
N ILE A 169 -13.60 6.24 -6.50
CA ILE A 169 -13.95 5.18 -7.45
C ILE A 169 -14.35 5.80 -8.78
N LYS A 170 -15.14 6.87 -8.73
CA LYS A 170 -15.56 7.55 -9.96
C LYS A 170 -14.35 8.15 -10.69
N GLU A 171 -13.36 8.62 -9.93
CA GLU A 171 -12.17 9.19 -10.55
C GLU A 171 -11.43 8.14 -11.40
N LEU A 172 -11.24 6.94 -10.83
CA LEU A 172 -10.67 5.84 -11.61
C LEU A 172 -11.52 5.54 -12.85
N ASP A 173 -12.83 5.46 -12.66
CA ASP A 173 -13.74 5.21 -13.79
C ASP A 173 -13.56 6.26 -14.89
N ARG A 174 -13.41 7.53 -14.50
CA ARG A 174 -13.30 8.62 -15.46
C ARG A 174 -11.93 8.65 -16.13
N VAL A 175 -10.88 8.29 -15.38
N VAL A 175 -10.88 8.29 -15.38
CA VAL A 175 -9.53 8.26 -15.95
CA VAL A 175 -9.53 8.26 -15.96
C VAL A 175 -9.44 7.19 -17.05
C VAL A 175 -9.45 7.20 -17.05
N ILE A 176 -10.06 6.02 -16.81
CA ILE A 176 -10.00 4.93 -17.78
C ILE A 176 -10.70 5.34 -19.08
N SER A 177 -11.87 5.99 -18.97
CA SER A 177 -12.56 6.44 -20.17
C SER A 177 -11.91 7.68 -20.77
N PHE A 178 -11.31 8.54 -19.93
CA PHE A 178 -10.50 9.64 -20.43
C PHE A 178 -9.48 9.14 -21.45
N GLN A 179 -8.80 8.04 -21.12
CA GLN A 179 -8.00 7.34 -22.11
C GLN A 179 -8.93 6.68 -23.13
N GLY A 180 -8.65 6.93 -24.41
CA GLY A 180 -9.55 6.54 -25.48
C GLY A 180 -9.88 5.06 -25.56
N LYS A 181 -11.13 4.73 -25.26
CA LYS A 181 -11.67 3.40 -25.50
C LYS A 181 -13.13 3.56 -25.89
N ASN A 182 -13.71 2.46 -26.37
CA ASN A 182 -15.15 2.38 -26.42
C ASN A 182 -15.68 2.12 -25.01
N PRO A 183 -16.97 2.37 -24.75
CA PRO A 183 -17.50 2.09 -23.41
C PRO A 183 -17.41 0.63 -23.00
N THR A 184 -17.46 -0.30 -23.96
CA THR A 184 -17.28 -1.71 -23.63
C THR A 184 -15.84 -1.97 -23.17
N SER A 185 -14.86 -1.48 -23.92
CA SER A 185 -13.46 -1.68 -23.53
C SER A 185 -13.11 -0.93 -22.24
N SER A 186 -13.77 0.20 -22.00
CA SER A 186 -13.54 0.92 -20.75
C SER A 186 -14.17 0.18 -19.57
N SER A 187 -15.32 -0.46 -19.79
CA SER A 187 -15.96 -1.20 -18.72
C SER A 187 -15.16 -2.42 -18.33
N GLN A 188 -14.57 -3.12 -19.31
CA GLN A 188 -13.71 -4.25 -19.01
C GLN A 188 -12.47 -3.80 -18.25
N ARG A 189 -11.88 -2.67 -18.67
CA ARG A 189 -10.68 -2.16 -18.01
C ARG A 189 -10.96 -1.84 -16.55
N PHE A 190 -12.11 -1.22 -16.28
CA PHE A 190 -12.47 -0.92 -14.89
C PHE A 190 -12.59 -2.19 -14.07
N TYR A 191 -13.17 -3.24 -14.64
CA TYR A 191 -13.29 -4.52 -13.94
C TYR A 191 -11.92 -5.13 -13.69
N GLN A 192 -11.03 -5.09 -14.70
CA GLN A 192 -9.70 -5.65 -14.55
C GLN A 192 -8.93 -4.97 -13.41
N LEU A 193 -8.93 -3.64 -13.39
CA LEU A 193 -8.12 -2.91 -12.43
C LEU A 193 -8.69 -3.02 -11.02
N THR A 194 -10.02 -3.01 -10.89
CA THR A 194 -10.62 -3.21 -9.57
C THR A 194 -10.42 -4.63 -9.07
N LYS A 195 -10.44 -5.61 -9.98
CA LYS A 195 -10.11 -6.97 -9.61
C LYS A 195 -8.65 -7.08 -9.18
N LEU A 196 -7.77 -6.30 -9.82
CA LEU A 196 -6.38 -6.25 -9.40
C LEU A 196 -6.26 -5.72 -7.98
N LEU A 197 -7.03 -4.67 -7.66
CA LEU A 197 -6.98 -4.11 -6.32
C LEU A 197 -7.50 -5.11 -5.28
N ASP A 198 -8.56 -5.83 -5.61
CA ASP A 198 -9.11 -6.81 -4.67
C ASP A 198 -8.15 -7.96 -4.44
N SER A 199 -7.36 -8.34 -5.45
CA SER A 199 -6.37 -9.40 -5.31
C SER A 199 -5.28 -9.05 -4.32
N LEU A 200 -5.17 -7.79 -3.91
CA LEU A 200 -4.19 -7.39 -2.91
C LEU A 200 -4.53 -7.93 -1.53
N GLN A 201 -5.82 -8.04 -1.21
CA GLN A 201 -6.23 -8.30 0.16
C GLN A 201 -5.74 -9.64 0.72
N PRO A 202 -5.76 -10.76 -0.01
CA PRO A 202 -5.18 -11.98 0.57
C PRO A 202 -3.70 -11.86 0.85
N ILE A 203 -2.96 -11.18 -0.03
CA ILE A 203 -1.53 -10.95 0.20
C ILE A 203 -1.33 -10.10 1.45
N VAL A 204 -2.10 -9.01 1.56
CA VAL A 204 -1.96 -8.11 2.70
C VAL A 204 -2.26 -8.84 4.01
N ARG A 205 -3.28 -9.70 4.01
CA ARG A 205 -3.63 -10.43 5.22
C ARG A 205 -2.50 -11.36 5.65
N LYS A 206 -1.87 -12.05 4.70
CA LYS A 206 -0.73 -12.90 5.03
C LYS A 206 0.44 -12.08 5.54
N LEU A 207 0.65 -10.89 4.97
CA LEU A 207 1.72 -10.01 5.44
C LEU A 207 1.44 -9.53 6.86
N HIS A 208 0.18 -9.26 7.18
CA HIS A 208 -0.16 -8.86 8.55
C HIS A 208 0.08 -9.99 9.54
N GLN A 209 -0.25 -11.22 9.14
CA GLN A 209 0.09 -12.38 9.98
C GLN A 209 1.59 -12.51 10.14
N PHE A 210 2.33 -12.37 9.04
CA PHE A 210 3.78 -12.58 9.08
C PHE A 210 4.47 -11.53 9.94
N THR A 211 4.06 -10.26 9.81
CA THR A 211 4.73 -9.20 10.56
C THR A 211 4.43 -9.31 12.05
N PHE A 212 3.23 -9.79 12.40
CA PHE A 212 2.94 -9.99 13.82
C PHE A 212 3.75 -11.15 14.39
N ASP A 213 4.00 -12.18 13.57
CA ASP A 213 4.87 -13.27 14.00
C ASP A 213 6.28 -12.77 14.25
N LEU A 214 6.83 -12.00 13.31
CA LEU A 214 8.16 -11.43 13.51
C LEU A 214 8.21 -10.56 14.74
N PHE A 215 7.20 -9.69 14.92
CA PHE A 215 7.16 -8.82 16.09
C PHE A 215 7.18 -9.62 17.38
N VAL A 216 6.41 -10.72 17.44
CA VAL A 216 6.39 -11.55 18.64
C VAL A 216 7.75 -12.17 18.89
N GLN A 217 8.46 -12.55 17.83
CA GLN A 217 9.76 -13.22 17.93
C GLN A 217 10.94 -12.30 17.66
N SER A 218 10.72 -10.99 17.61
CA SER A 218 11.75 -10.07 17.14
C SER A 218 13.02 -10.19 17.96
N GLN A 219 12.89 -10.28 19.28
CA GLN A 219 14.06 -10.40 20.15
C GLN A 219 14.83 -11.68 19.88
N SER A 220 14.13 -12.81 19.73
CA SER A 220 14.80 -14.09 19.52
C SER A 220 15.40 -14.19 18.13
N LEU A 221 14.82 -13.51 17.14
CA LEU A 221 15.31 -13.55 15.78
C LEU A 221 16.26 -12.41 15.44
N SER A 222 16.50 -11.51 16.39
CA SER A 222 17.36 -10.33 16.17
C SER A 222 16.82 -9.47 15.04
N VAL A 223 15.51 -9.35 14.96
CA VAL A 223 14.83 -8.54 13.96
C VAL A 223 14.28 -7.30 14.64
N GLU A 224 14.79 -6.13 14.25
CA GLU A 224 14.46 -4.89 14.92
C GLU A 224 13.30 -4.19 14.20
N PHE A 225 12.39 -3.64 15.00
CA PHE A 225 11.24 -2.88 14.52
C PHE A 225 11.38 -1.42 14.93
N PRO A 226 11.29 -0.49 14.00
CA PRO A 226 11.35 0.93 14.36
C PRO A 226 10.11 1.34 15.16
N GLU A 227 10.17 2.57 15.70
CA GLU A 227 9.25 2.96 16.75
C GLU A 227 7.81 3.05 16.26
N MET A 228 7.58 3.75 15.16
CA MET A 228 6.21 3.90 14.67
C MET A 228 5.67 2.59 14.12
N MET A 229 6.53 1.81 13.44
CA MET A 229 6.15 0.47 13.04
C MET A 229 5.65 -0.33 14.24
N SER A 230 6.38 -0.26 15.35
CA SER A 230 6.01 -1.03 16.54
C SER A 230 4.68 -0.55 17.10
N GLU A 231 4.41 0.76 17.05
CA GLU A 231 3.18 1.27 17.63
C GLU A 231 1.96 0.79 16.85
N ILE A 232 2.05 0.75 15.52
CA ILE A 232 0.92 0.28 14.72
C ILE A 232 0.80 -1.24 14.80
N ILE A 233 1.93 -1.95 14.71
CA ILE A 233 1.86 -3.41 14.69
C ILE A 233 1.41 -3.97 16.03
N SER A 234 1.75 -3.30 17.13
CA SER A 234 1.31 -3.75 18.45
C SER A 234 -0.11 -3.30 18.78
N ALA A 235 -0.75 -2.51 17.92
CA ALA A 235 -2.10 -2.02 18.20
C ALA A 235 -3.11 -2.49 17.15
N GLN A 236 -2.95 -2.08 15.89
CA GLN A 236 -3.99 -2.32 14.91
C GLN A 236 -3.88 -3.69 14.25
N VAL A 237 -2.66 -4.20 14.07
CA VAL A 237 -2.50 -5.54 13.50
C VAL A 237 -3.18 -6.61 14.34
N PRO A 238 -3.08 -6.60 15.68
CA PRO A 238 -3.85 -7.59 16.46
C PRO A 238 -5.35 -7.51 16.22
N LYS A 239 -5.91 -6.30 16.08
CA LYS A 239 -7.32 -6.18 15.76
C LYS A 239 -7.64 -6.76 14.39
N ILE A 240 -6.74 -6.57 13.42
CA ILE A 240 -6.93 -7.17 12.10
C ILE A 240 -6.98 -8.68 12.21
N LEU A 241 -6.01 -9.27 12.92
CA LEU A 241 -5.97 -10.73 13.05
C LEU A 241 -7.15 -11.24 13.87
N ALA A 242 -7.71 -10.41 14.75
CA ALA A 242 -8.88 -10.78 15.51
C ALA A 242 -10.18 -10.63 14.72
N GLY A 243 -10.11 -10.30 13.44
CA GLY A 243 -11.31 -10.16 12.64
C GLY A 243 -12.12 -8.92 12.92
N MET A 244 -11.52 -7.89 13.51
CA MET A 244 -12.23 -6.67 13.88
C MET A 244 -12.27 -5.64 12.75
N VAL A 245 -11.83 -6.01 11.54
CA VAL A 245 -11.87 -5.12 10.39
C VAL A 245 -12.50 -5.88 9.23
N LYS A 246 -12.97 -5.11 8.24
CA LYS A 246 -13.55 -5.69 7.04
C LYS A 246 -12.91 -5.06 5.81
N PRO A 247 -12.49 -5.84 4.83
CA PRO A 247 -12.04 -5.26 3.57
C PRO A 247 -13.23 -4.75 2.76
N LEU A 248 -13.02 -3.64 2.07
CA LEU A 248 -14.04 -3.09 1.17
C LEU A 248 -13.62 -3.43 -0.25
N LEU A 249 -14.30 -4.40 -0.85
CA LEU A 249 -13.89 -4.98 -2.12
C LEU A 249 -14.58 -4.28 -3.29
N PHE A 250 -14.45 -4.87 -4.48
CA PHE A 250 -15.24 -4.51 -5.63
C PHE A 250 -15.86 -5.72 -6.32
N HIS A 251 -15.41 -6.93 -6.00
CA HIS A 251 -15.89 -8.14 -6.65
C HIS A 251 -15.83 -9.34 -5.70
N ALA B 2 0.18 8.49 20.15
CA ALA B 2 1.19 9.44 19.67
C ALA B 2 1.91 8.95 18.41
N LEU B 3 2.85 9.76 17.95
CA LEU B 3 3.72 9.48 16.80
C LEU B 3 2.98 9.52 15.48
N LEU B 4 2.10 8.56 15.21
CA LEU B 4 1.23 8.69 14.04
C LEU B 4 0.33 9.90 14.19
N ARG B 5 -0.18 10.13 15.40
CA ARG B 5 -0.95 11.34 15.68
C ARG B 5 -0.06 12.57 15.58
N TYR B 6 1.20 12.46 16.03
CA TYR B 6 2.14 13.57 15.88
C TYR B 6 2.32 13.96 14.42
N LEU B 7 2.45 12.97 13.54
CA LEU B 7 2.64 13.27 12.13
C LEU B 7 1.38 13.87 11.51
N LEU B 8 0.20 13.38 11.91
CA LEU B 8 -1.04 13.91 11.34
C LEU B 8 -1.31 15.34 11.79
N ASP B 9 -0.87 15.72 12.98
CA ASP B 9 -1.14 17.05 13.49
C ASP B 9 -0.17 18.10 12.96
N LYS B 10 0.98 17.69 12.43
CA LYS B 10 1.95 18.61 11.87
C LYS B 10 1.36 19.39 10.70
#